data_4ORI
#
_entry.id   4ORI
#
_cell.length_a   124.365
_cell.length_b   43.845
_cell.length_c   63.305
_cell.angle_alpha   90.00
_cell.angle_beta   99.96
_cell.angle_gamma   90.00
#
_symmetry.space_group_name_H-M   'C 1 2 1'
#
loop_
_entity.id
_entity.type
_entity.pdbx_description
1 polymer 'Dihydroorotate dehydrogenase (quinone), mitochondrial'
2 non-polymer 'FLAVIN MONONUCLEOTIDE'
3 non-polymer 'OROTIC ACID'
4 non-polymer N-[3,5-difluoro-4-(trifluoromethyl)phenyl]-5-methyl-2-(trifluoromethyl)[1,2,4]triazolo[1,5-a]pyrimidin-7-amine
5 water water
#
_entity_poly.entity_id   1
_entity_poly.type   'polypeptide(L)'
_entity_poly.pdbx_seq_one_letter_code
;GDDHFYAEYLMPGLQRLLDPESAHRLAVRVTSLGLLPRATFQDSDMLEVKVLGHKFRNPVGIAAGFDKNGEAVDGLYKLG
FGFVEVGSVTPQPQEGNPRPRVFRLPEDQAVINRYGFNSHGLSVVEHRLRARQQKQAQLTADGLPLGINLGKNKTSEDAA
ADYAEGVRTLGPLADYLVVNVSSPNTAGLRSLQGKTELRHLLSKVLQERDALKGTRKPAVLVKIAPDLTAQDKEDIASVA
RELGIDGLIVTNTTVSRPVGLQGALRSETGGLSGKPLRDLSTQTIREMYALTQGRIPIIGVGGVSSGQDALEKIQAGASL
VQLYTALIFLGPPVVVRVKRELEALLKERGFTTVTDAIGADHRRLEHHHHHH
;
_entity_poly.pdbx_strand_id   A
#
loop_
_chem_comp.id
_chem_comp.type
_chem_comp.name
_chem_comp.formula
2V6 non-polymer N-[3,5-difluoro-4-(trifluoromethyl)phenyl]-5-methyl-2-(trifluoromethyl)[1,2,4]triazolo[1,5-a]pyrimidin-7-amine 'C14 H7 F8 N5'
FMN non-polymer 'FLAVIN MONONUCLEOTIDE' 'C17 H21 N4 O9 P'
ORO non-polymer 'OROTIC ACID' 'C5 H4 N2 O4'
#
# COMPACT_ATOMS: atom_id res chain seq x y z
N HIS A 4 8.99 16.39 -16.17
CA HIS A 4 8.86 16.14 -17.57
C HIS A 4 9.91 15.27 -18.06
N PHE A 5 11.11 15.44 -17.52
CA PHE A 5 12.20 14.62 -17.95
C PHE A 5 11.87 13.17 -17.61
N TYR A 6 11.34 12.93 -16.42
CA TYR A 6 10.92 11.58 -16.10
C TYR A 6 9.77 11.08 -16.96
N ALA A 7 8.76 11.89 -17.12
CA ALA A 7 7.50 11.48 -17.76
C ALA A 7 7.37 11.07 -19.23
N GLU A 8 8.07 11.73 -20.14
CA GLU A 8 8.17 11.14 -21.49
C GLU A 8 9.57 11.07 -22.05
N TYR A 9 10.58 11.37 -21.24
CA TYR A 9 11.92 10.94 -21.59
C TYR A 9 12.27 9.65 -20.83
N LEU A 10 12.52 9.74 -19.52
CA LEU A 10 13.07 8.59 -18.84
C LEU A 10 12.19 7.32 -18.75
N MET A 11 10.92 7.43 -18.37
CA MET A 11 10.11 6.24 -18.14
C MET A 11 9.69 5.41 -19.34
N PRO A 12 9.22 6.17 -20.41
CA PRO A 12 8.94 5.37 -21.62
C PRO A 12 10.24 4.74 -22.18
N GLY A 13 11.35 5.45 -22.12
CA GLY A 13 12.62 4.90 -22.52
C GLY A 13 13.13 3.72 -21.74
N LEU A 14 13.00 3.76 -20.44
CA LEU A 14 13.35 2.66 -19.60
C LEU A 14 12.49 1.48 -19.91
N GLN A 15 11.26 1.78 -20.26
CA GLN A 15 10.31 0.79 -20.59
C GLN A 15 10.74 -0.02 -21.79
N ARG A 16 11.28 0.63 -22.79
CA ARG A 16 11.80 -0.06 -23.96
C ARG A 16 13.02 -0.93 -23.64
N LEU A 17 13.94 -0.38 -22.86
CA LEU A 17 15.19 -1.03 -22.47
C LEU A 17 15.15 -2.17 -21.50
N LEU A 18 14.35 -2.02 -20.47
CA LEU A 18 14.38 -2.90 -19.35
C LEU A 18 13.13 -3.71 -19.18
N ASP A 19 13.30 -4.99 -18.92
CA ASP A 19 12.16 -5.79 -18.57
C ASP A 19 11.69 -5.36 -17.18
N PRO A 20 10.36 -5.73 -16.89
CA PRO A 20 9.87 -5.14 -15.64
C PRO A 20 10.67 -5.49 -14.38
N GLU A 21 11.07 -6.71 -14.20
CA GLU A 21 11.79 -7.10 -13.05
C GLU A 21 13.13 -6.41 -12.93
N SER A 22 13.83 -6.25 -14.03
CA SER A 22 15.09 -5.54 -14.07
C SER A 22 14.91 -4.06 -13.73
N ALA A 23 13.87 -3.48 -14.27
CA ALA A 23 13.55 -2.10 -13.96
C ALA A 23 13.19 -1.91 -12.49
N HIS A 24 12.44 -2.82 -11.94
CA HIS A 24 12.09 -2.76 -10.53
C HIS A 24 13.34 -2.87 -9.68
N ARG A 25 14.17 -3.82 -9.99
CA ARG A 25 15.35 -4.02 -9.19
C ARG A 25 16.25 -2.80 -9.22
N LEU A 26 16.40 -2.20 -10.38
CA LEU A 26 17.16 -0.97 -10.51
C LEU A 26 16.56 0.16 -9.74
N ALA A 27 15.25 0.27 -9.76
CA ALA A 27 14.59 1.33 -9.06
C ALA A 27 14.80 1.26 -7.57
N VAL A 28 14.73 0.06 -7.04
CA VAL A 28 14.92 -0.13 -5.63
C VAL A 28 16.34 0.28 -5.23
N ARG A 29 17.32 -0.14 -6.01
CA ARG A 29 18.70 0.17 -5.71
C ARG A 29 19.06 1.63 -5.85
N VAL A 30 18.61 2.27 -6.90
CA VAL A 30 18.81 3.68 -7.07
C VAL A 30 18.14 4.46 -5.96
N THR A 31 16.95 4.06 -5.58
CA THR A 31 16.25 4.71 -4.50
C THR A 31 16.99 4.55 -3.18
N SER A 32 17.48 3.36 -2.91
CA SER A 32 18.20 3.14 -1.68
C SER A 32 19.47 3.95 -1.61
N LEU A 33 20.17 4.07 -2.72
CA LEU A 33 21.47 4.74 -2.78
C LEU A 33 21.37 6.23 -2.78
N GLY A 34 20.16 6.74 -2.89
CA GLY A 34 19.92 8.15 -2.93
C GLY A 34 20.42 8.87 -4.16
N LEU A 35 20.52 8.17 -5.26
CA LEU A 35 20.89 8.77 -6.51
C LEU A 35 19.84 9.75 -7.03
N LEU A 36 18.60 9.45 -6.76
CA LEU A 36 17.50 10.31 -7.14
C LEU A 36 17.58 11.63 -6.44
N PRO A 37 17.31 12.72 -7.29
CA PRO A 37 17.22 13.98 -6.57
C PRO A 37 16.06 13.98 -5.60
N ARG A 38 16.32 14.55 -4.45
CA ARG A 38 15.42 14.60 -3.34
C ARG A 38 14.28 15.57 -3.56
N ALA A 39 13.13 15.26 -2.96
CA ALA A 39 12.01 16.16 -2.99
C ALA A 39 12.31 17.36 -2.13
N THR A 40 11.92 18.53 -2.59
CA THR A 40 12.05 19.71 -1.78
C THR A 40 10.74 20.34 -1.44
N PHE A 41 9.66 19.83 -2.01
CA PHE A 41 8.34 20.32 -1.69
C PHE A 41 8.17 20.16 -0.20
N GLN A 42 7.65 21.16 0.48
CA GLN A 42 7.48 21.10 1.91
C GLN A 42 6.04 20.82 2.20
N ASP A 43 5.76 19.85 3.03
CA ASP A 43 4.42 19.52 3.36
C ASP A 43 3.83 20.64 4.18
N SER A 44 2.58 20.98 3.94
CA SER A 44 1.89 21.97 4.74
C SER A 44 1.16 21.26 5.84
N ASP A 45 0.83 22.02 6.87
CA ASP A 45 0.10 21.56 8.00
C ASP A 45 -1.23 21.05 7.53
N MET A 46 -1.69 21.58 6.42
CA MET A 46 -2.95 21.17 5.87
C MET A 46 -2.98 19.69 5.46
N LEU A 47 -1.83 19.11 5.15
CA LEU A 47 -1.75 17.69 4.79
C LEU A 47 -1.57 16.70 5.90
N GLU A 48 -1.35 17.20 7.11
CA GLU A 48 -1.08 16.32 8.22
C GLU A 48 -2.30 15.54 8.61
N VAL A 49 -2.14 14.27 8.89
CA VAL A 49 -3.21 13.44 9.30
C VAL A 49 -2.78 12.72 10.53
N LYS A 50 -3.70 12.56 11.47
CA LYS A 50 -3.45 11.77 12.64
C LYS A 50 -4.40 10.63 12.70
N VAL A 51 -3.89 9.42 12.62
CA VAL A 51 -4.66 8.23 12.56
C VAL A 51 -3.78 7.03 12.89
N LEU A 52 -4.38 5.93 13.32
CA LEU A 52 -3.67 4.71 13.64
C LEU A 52 -2.64 4.91 14.74
N GLY A 53 -2.86 5.90 15.57
CA GLY A 53 -1.97 6.18 16.66
C GLY A 53 -0.72 6.92 16.30
N HIS A 54 -0.68 7.45 15.10
CA HIS A 54 0.50 8.13 14.65
C HIS A 54 0.17 9.36 13.89
N LYS A 55 1.12 10.25 13.79
CA LYS A 55 0.98 11.40 12.95
C LYS A 55 1.62 11.16 11.58
N PHE A 56 0.90 11.48 10.52
CA PHE A 56 1.42 11.36 9.18
C PHE A 56 1.60 12.75 8.59
N ARG A 57 2.81 13.12 8.25
CA ARG A 57 3.08 14.45 7.78
C ARG A 57 2.37 14.78 6.46
N ASN A 58 2.18 13.78 5.65
CA ASN A 58 1.33 13.88 4.50
C ASN A 58 0.65 12.53 4.29
N PRO A 59 -0.52 12.58 3.51
CA PRO A 59 -1.26 11.33 3.43
C PRO A 59 -0.93 10.39 2.27
N VAL A 60 0.17 10.61 1.59
CA VAL A 60 0.52 9.79 0.45
C VAL A 60 1.64 8.80 0.78
N GLY A 61 1.35 7.53 0.76
CA GLY A 61 2.31 6.49 1.05
C GLY A 61 2.65 5.63 -0.14
N ILE A 62 3.74 4.93 -0.06
CA ILE A 62 4.08 3.97 -1.08
C ILE A 62 3.47 2.63 -0.71
N ALA A 63 2.75 2.05 -1.64
CA ALA A 63 2.07 0.81 -1.40
C ALA A 63 3.04 -0.35 -1.34
N ALA A 64 2.57 -1.43 -0.73
CA ALA A 64 3.34 -2.63 -0.68
C ALA A 64 3.60 -3.15 -2.07
N GLY A 65 4.71 -3.85 -2.17
CA GLY A 65 5.21 -4.39 -3.38
C GLY A 65 6.37 -3.69 -4.03
N PHE A 66 6.64 -2.44 -3.69
CA PHE A 66 7.80 -1.78 -4.23
C PHE A 66 9.05 -2.13 -3.44
N ASP A 67 9.03 -1.81 -2.17
CA ASP A 67 10.09 -2.18 -1.26
C ASP A 67 9.76 -3.48 -0.53
N LYS A 68 9.85 -4.59 -1.22
CA LYS A 68 9.44 -5.85 -0.63
C LYS A 68 10.28 -6.21 0.56
N ASN A 69 11.55 -5.90 0.46
CA ASN A 69 12.56 -6.34 1.40
C ASN A 69 13.14 -5.28 2.30
N GLY A 70 12.51 -4.12 2.34
CA GLY A 70 12.93 -3.06 3.23
C GLY A 70 14.29 -2.47 3.00
N GLU A 71 14.69 -2.41 1.76
CA GLU A 71 15.97 -1.88 1.36
C GLU A 71 16.00 -0.39 1.09
N ALA A 72 14.85 0.20 0.84
CA ALA A 72 14.79 1.54 0.32
C ALA A 72 13.99 2.55 1.14
N VAL A 73 13.76 2.25 2.40
CA VAL A 73 12.84 3.02 3.17
C VAL A 73 13.24 4.48 3.28
N ASP A 74 14.49 4.76 3.57
CA ASP A 74 14.94 6.13 3.72
C ASP A 74 14.82 6.93 2.42
N GLY A 75 15.20 6.30 1.33
CA GLY A 75 15.14 6.89 0.02
C GLY A 75 13.72 7.24 -0.37
N LEU A 76 12.79 6.39 0.01
CA LEU A 76 11.38 6.66 -0.27
C LEU A 76 10.84 7.87 0.47
N TYR A 77 11.21 8.04 1.73
CA TYR A 77 10.82 9.24 2.45
C TYR A 77 11.42 10.45 1.75
N LYS A 78 12.62 10.32 1.25
CA LYS A 78 13.29 11.40 0.55
C LYS A 78 12.58 11.83 -0.74
N LEU A 79 11.89 10.90 -1.37
CA LEU A 79 11.10 11.21 -2.55
C LEU A 79 9.79 11.92 -2.21
N GLY A 80 9.47 12.00 -0.95
CA GLY A 80 8.31 12.72 -0.49
C GLY A 80 7.13 11.98 0.09
N PHE A 81 7.24 10.67 0.18
CA PHE A 81 6.17 9.87 0.74
C PHE A 81 6.04 10.13 2.20
N GLY A 82 4.80 10.23 2.65
CA GLY A 82 4.41 10.39 4.02
C GLY A 82 4.58 9.19 4.90
N PHE A 83 4.52 8.04 4.29
CA PHE A 83 4.66 6.78 4.95
C PHE A 83 5.11 5.72 3.96
N VAL A 84 5.73 4.67 4.46
CA VAL A 84 6.24 3.59 3.66
C VAL A 84 5.69 2.26 4.16
N GLU A 85 5.24 1.40 3.27
CA GLU A 85 4.87 0.07 3.63
C GLU A 85 5.80 -0.93 2.96
N VAL A 86 6.50 -1.68 3.78
CA VAL A 86 7.40 -2.70 3.36
C VAL A 86 6.66 -4.03 3.17
N GLY A 87 7.06 -4.80 2.18
CA GLY A 87 6.48 -6.10 1.99
C GLY A 87 5.77 -6.28 0.69
N SER A 88 5.02 -7.36 0.53
CA SER A 88 4.83 -8.36 1.54
C SER A 88 6.06 -9.19 1.83
N VAL A 89 6.24 -9.53 3.08
CA VAL A 89 7.36 -10.34 3.51
C VAL A 89 6.85 -11.71 3.88
N THR A 90 7.43 -12.74 3.30
CA THR A 90 7.12 -14.14 3.67
C THR A 90 8.13 -14.67 4.69
N PRO A 91 7.72 -15.64 5.51
CA PRO A 91 8.62 -16.15 6.55
C PRO A 91 9.87 -16.74 6.01
N GLN A 92 9.76 -17.62 5.06
CA GLN A 92 10.92 -18.14 4.40
C GLN A 92 11.15 -17.48 3.08
N PRO A 93 12.50 -17.46 2.67
CA PRO A 93 12.71 -16.90 1.35
C PRO A 93 11.97 -17.68 0.30
N GLN A 94 11.48 -17.02 -0.74
CA GLN A 94 10.98 -17.76 -1.89
C GLN A 94 11.15 -17.12 -3.24
N GLU A 95 11.30 -17.95 -4.26
CA GLU A 95 11.52 -17.51 -5.63
C GLU A 95 10.36 -16.74 -6.23
N GLY A 96 9.16 -17.20 -5.95
CA GLY A 96 7.95 -16.78 -6.65
C GLY A 96 7.75 -17.55 -7.95
N ASN A 97 6.84 -17.08 -8.78
CA ASN A 97 6.47 -17.78 -10.00
C ASN A 97 7.52 -17.72 -11.06
N PRO A 98 7.42 -18.52 -12.10
CA PRO A 98 8.38 -18.46 -13.19
C PRO A 98 8.32 -17.13 -13.93
N ARG A 99 9.45 -16.59 -14.33
CA ARG A 99 9.49 -15.47 -15.24
C ARG A 99 9.11 -15.95 -16.63
N PRO A 100 8.44 -15.08 -17.52
CA PRO A 100 8.16 -13.71 -17.04
C PRO A 100 6.91 -13.61 -16.21
N ARG A 101 6.89 -12.69 -15.24
CA ARG A 101 5.79 -12.57 -14.31
C ARG A 101 5.20 -11.16 -14.02
N VAL A 102 5.66 -10.15 -14.72
CA VAL A 102 5.06 -8.83 -14.64
C VAL A 102 4.95 -8.26 -16.03
N PHE A 103 3.81 -7.67 -16.33
CA PHE A 103 3.56 -7.11 -17.64
C PHE A 103 3.07 -5.66 -17.59
N ARG A 104 3.66 -4.81 -18.40
CA ARG A 104 3.30 -3.43 -18.48
C ARG A 104 2.34 -3.18 -19.61
N LEU A 105 1.31 -2.40 -19.36
CA LEU A 105 0.38 -1.96 -20.38
C LEU A 105 0.43 -0.46 -20.43
N PRO A 106 1.47 0.05 -21.21
CA PRO A 106 1.64 1.51 -21.14
C PRO A 106 0.46 2.32 -21.65
N GLU A 107 -0.25 1.76 -22.59
CA GLU A 107 -1.38 2.38 -23.20
C GLU A 107 -2.45 2.62 -22.18
N ASP A 108 -2.60 1.69 -21.25
CA ASP A 108 -3.57 1.79 -20.21
C ASP A 108 -3.03 2.36 -18.88
N GLN A 109 -1.76 2.65 -18.82
CA GLN A 109 -1.08 3.09 -17.61
C GLN A 109 -1.34 2.10 -16.49
N ALA A 110 -1.25 0.83 -16.83
CA ALA A 110 -1.58 -0.26 -15.96
C ALA A 110 -0.48 -1.33 -16.01
N VAL A 111 -0.45 -2.16 -15.00
CA VAL A 111 0.45 -3.27 -14.93
C VAL A 111 -0.39 -4.49 -14.57
N ILE A 112 0.02 -5.66 -15.05
CA ILE A 112 -0.49 -6.91 -14.59
C ILE A 112 0.67 -7.69 -13.99
N ASN A 113 0.48 -8.20 -12.80
CA ASN A 113 1.51 -9.00 -12.18
C ASN A 113 1.03 -10.33 -11.65
N ARG A 114 1.91 -11.31 -11.79
CA ARG A 114 1.82 -12.56 -11.04
C ARG A 114 3.15 -12.97 -10.38
N TYR A 115 3.65 -12.12 -9.49
CA TYR A 115 4.92 -12.32 -8.87
C TYR A 115 4.90 -13.58 -8.05
N GLY A 116 3.81 -13.80 -7.36
CA GLY A 116 3.72 -14.91 -6.45
C GLY A 116 4.65 -14.86 -5.27
N PHE A 117 4.75 -13.70 -4.64
CA PHE A 117 5.46 -13.52 -3.39
C PHE A 117 6.95 -13.87 -3.36
N ASN A 118 7.71 -13.33 -4.29
CA ASN A 118 9.15 -13.41 -4.19
C ASN A 118 9.60 -12.51 -3.05
N SER A 119 10.15 -13.07 -2.00
CA SER A 119 10.50 -12.33 -0.82
C SER A 119 11.82 -12.88 -0.37
N HIS A 120 12.62 -12.06 0.27
CA HIS A 120 13.88 -12.52 0.79
C HIS A 120 13.70 -13.15 2.12
N GLY A 121 12.51 -13.07 2.65
CA GLY A 121 12.19 -13.71 3.90
C GLY A 121 12.42 -12.90 5.12
N LEU A 122 11.83 -13.33 6.21
CA LEU A 122 11.78 -12.56 7.42
C LEU A 122 13.13 -12.24 8.06
N SER A 123 14.02 -13.20 8.07
CA SER A 123 15.28 -12.98 8.74
C SER A 123 16.14 -11.93 8.03
N VAL A 124 16.18 -11.96 6.71
CA VAL A 124 16.88 -10.95 5.96
C VAL A 124 16.26 -9.57 6.19
N VAL A 125 14.94 -9.49 6.22
CA VAL A 125 14.30 -8.22 6.32
C VAL A 125 14.34 -7.81 7.75
N GLU A 126 14.29 -8.70 8.70
CA GLU A 126 14.46 -8.26 10.06
C GLU A 126 15.84 -7.64 10.31
N HIS A 127 16.87 -8.23 9.74
CA HIS A 127 18.20 -7.74 9.99
C HIS A 127 18.39 -6.35 9.47
N ARG A 128 17.91 -6.10 8.28
CA ARG A 128 18.00 -4.79 7.68
C ARG A 128 17.24 -3.73 8.43
N LEU A 129 16.01 -4.04 8.81
CA LEU A 129 15.19 -3.11 9.54
C LEU A 129 15.70 -2.83 10.94
N ARG A 130 16.23 -3.84 11.59
CA ARG A 130 16.80 -3.66 12.91
C ARG A 130 17.97 -2.70 12.91
N ALA A 131 18.81 -2.83 11.92
CA ALA A 131 19.99 -2.02 11.84
C ALA A 131 19.64 -0.57 11.75
N ARG A 132 18.47 -0.27 11.20
CA ARG A 132 18.04 1.11 11.10
C ARG A 132 16.96 1.53 12.07
N GLN A 133 16.70 0.73 13.07
CA GLN A 133 15.57 0.93 13.92
C GLN A 133 15.57 2.28 14.63
N GLN A 134 16.74 2.73 15.04
CA GLN A 134 16.87 4.04 15.65
C GLN A 134 16.53 5.18 14.73
N LYS A 135 16.99 5.06 13.50
CA LYS A 135 16.72 6.07 12.53
C LYS A 135 15.21 6.12 12.30
N GLN A 136 14.57 4.97 12.22
CA GLN A 136 13.14 4.90 12.00
C GLN A 136 12.37 5.52 13.14
N ALA A 137 12.83 5.33 14.37
CA ALA A 137 12.17 5.92 15.49
C ALA A 137 12.16 7.43 15.39
N GLN A 138 13.24 8.01 14.95
CA GLN A 138 13.27 9.44 14.71
C GLN A 138 12.36 9.87 13.54
N LEU A 139 12.36 9.12 12.46
CA LEU A 139 11.50 9.43 11.34
C LEU A 139 10.05 9.32 11.73
N THR A 140 9.71 8.31 12.48
CA THR A 140 8.34 8.10 12.89
C THR A 140 7.88 9.30 13.70
N ALA A 141 8.76 9.80 14.55
CA ALA A 141 8.47 10.92 15.41
C ALA A 141 8.29 12.20 14.67
N ASP A 142 8.87 12.24 13.49
CA ASP A 142 8.79 13.39 12.63
C ASP A 142 7.62 13.27 11.67
N GLY A 143 6.73 12.35 11.94
CA GLY A 143 5.60 12.13 11.09
C GLY A 143 5.77 11.26 9.87
N LEU A 144 6.74 10.37 9.89
CA LEU A 144 7.04 9.48 8.80
C LEU A 144 7.00 8.01 9.20
N PRO A 145 5.71 7.51 9.35
CA PRO A 145 5.63 6.11 9.80
C PRO A 145 6.01 4.97 8.86
N LEU A 146 6.22 3.81 9.44
CA LEU A 146 6.56 2.61 8.74
C LEU A 146 5.56 1.49 8.93
N GLY A 147 5.01 0.99 7.85
CA GLY A 147 4.19 -0.18 7.87
C GLY A 147 4.86 -1.41 7.33
N ILE A 148 4.48 -2.55 7.84
CA ILE A 148 4.99 -3.81 7.38
C ILE A 148 3.88 -4.76 6.98
N ASN A 149 3.98 -5.27 5.78
CA ASN A 149 2.97 -6.10 5.21
C ASN A 149 3.43 -7.55 5.19
N LEU A 150 2.65 -8.42 5.81
CA LEU A 150 3.00 -9.84 5.98
C LEU A 150 2.30 -10.77 5.02
N GLY A 151 3.01 -11.69 4.43
CA GLY A 151 2.47 -12.68 3.52
C GLY A 151 2.72 -14.10 4.02
N LYS A 152 2.33 -15.07 3.24
CA LYS A 152 2.54 -16.45 3.59
C LYS A 152 3.24 -17.17 2.46
N ASN A 153 4.01 -18.20 2.77
CA ASN A 153 4.73 -18.96 1.75
C ASN A 153 3.79 -19.83 0.92
N LYS A 154 4.22 -20.22 -0.27
CA LYS A 154 3.42 -20.97 -1.23
C LYS A 154 3.03 -22.32 -0.70
N THR A 155 3.95 -22.94 0.01
CA THR A 155 3.75 -24.21 0.63
C THR A 155 2.62 -24.15 1.61
N SER A 156 2.58 -23.09 2.38
CA SER A 156 2.02 -23.19 3.67
C SER A 156 0.57 -23.54 3.68
N GLU A 157 0.29 -24.65 4.35
CA GLU A 157 -1.03 -25.01 4.81
C GLU A 157 -1.48 -24.10 5.92
N ASP A 158 -0.58 -23.79 6.82
CA ASP A 158 -0.98 -23.12 8.05
C ASP A 158 -0.74 -21.65 8.01
N ALA A 159 -1.74 -20.90 7.63
CA ALA A 159 -1.58 -19.48 7.47
C ALA A 159 -1.28 -18.80 8.78
N ALA A 160 -1.93 -19.22 9.83
CA ALA A 160 -1.80 -18.57 11.10
C ALA A 160 -0.38 -18.66 11.62
N ALA A 161 0.26 -19.78 11.38
CA ALA A 161 1.63 -19.94 11.78
C ALA A 161 2.57 -19.05 11.00
N ASP A 162 2.35 -18.92 9.70
CA ASP A 162 3.14 -18.00 8.90
C ASP A 162 2.93 -16.57 9.35
N TYR A 163 1.70 -16.17 9.59
CA TYR A 163 1.45 -14.83 10.05
C TYR A 163 2.06 -14.61 11.39
N ALA A 164 2.03 -15.61 12.24
CA ALA A 164 2.59 -15.50 13.55
C ALA A 164 4.11 -15.25 13.53
N GLU A 165 4.84 -15.89 12.64
CA GLU A 165 6.26 -15.66 12.55
C GLU A 165 6.49 -14.20 12.21
N GLY A 166 5.68 -13.71 11.29
CA GLY A 166 5.79 -12.33 10.86
C GLY A 166 5.50 -11.33 11.94
N VAL A 167 4.44 -11.53 12.69
CA VAL A 167 4.12 -10.63 13.75
C VAL A 167 5.18 -10.65 14.85
N ARG A 168 5.66 -11.84 15.17
CA ARG A 168 6.69 -11.98 16.18
C ARG A 168 7.99 -11.34 15.75
N THR A 169 8.34 -11.56 14.51
CA THR A 169 9.60 -11.10 14.01
C THR A 169 9.63 -9.60 13.68
N LEU A 170 8.61 -9.12 12.98
CA LEU A 170 8.62 -7.72 12.53
C LEU A 170 7.72 -6.78 13.24
N GLY A 171 6.82 -7.29 14.06
CA GLY A 171 5.90 -6.44 14.77
C GLY A 171 6.59 -5.43 15.65
N PRO A 172 7.70 -5.77 16.27
CA PRO A 172 8.42 -4.79 17.07
C PRO A 172 9.06 -3.66 16.28
N LEU A 173 9.19 -3.83 14.97
CA LEU A 173 9.74 -2.81 14.12
C LEU A 173 8.71 -1.95 13.40
N ALA A 174 7.44 -2.26 13.57
CA ALA A 174 6.39 -1.70 12.74
C ALA A 174 5.57 -0.69 13.47
N ASP A 175 5.30 0.43 12.83
CA ASP A 175 4.22 1.30 13.22
C ASP A 175 2.83 0.73 12.94
N TYR A 176 2.68 0.03 11.83
CA TYR A 176 1.53 -0.78 11.58
C TYR A 176 1.83 -2.07 10.87
N LEU A 177 0.96 -3.03 10.99
CA LEU A 177 1.10 -4.30 10.33
C LEU A 177 -0.10 -4.56 9.43
N VAL A 178 0.13 -5.22 8.32
CA VAL A 178 -0.94 -5.56 7.41
C VAL A 178 -0.98 -7.04 7.12
N VAL A 179 -2.16 -7.64 7.22
CA VAL A 179 -2.34 -8.99 6.82
C VAL A 179 -2.85 -8.96 5.43
N ASN A 180 -2.07 -9.46 4.53
CA ASN A 180 -2.41 -9.39 3.14
C ASN A 180 -3.11 -10.68 2.76
N VAL A 181 -4.43 -10.64 2.76
CA VAL A 181 -5.23 -11.78 2.35
C VAL A 181 -5.83 -11.60 0.97
N SER A 182 -5.24 -10.71 0.19
CA SER A 182 -5.75 -10.36 -1.13
C SER A 182 -4.92 -10.56 -2.37
N SER A 183 -3.78 -11.20 -2.30
CA SER A 183 -3.00 -11.42 -3.49
C SER A 183 -3.84 -12.27 -4.40
N PRO A 184 -3.84 -11.84 -5.73
CA PRO A 184 -4.57 -12.74 -6.63
C PRO A 184 -3.66 -13.81 -7.14
N ASN A 185 -2.43 -13.81 -6.68
CA ASN A 185 -1.45 -14.70 -7.22
C ASN A 185 -0.98 -15.86 -6.31
N THR A 186 -1.63 -15.99 -5.19
CA THR A 186 -1.43 -17.10 -4.30
C THR A 186 -2.79 -17.70 -4.07
N GLN A 193 -13.48 -18.70 1.74
CA GLN A 193 -12.97 -18.48 3.10
C GLN A 193 -14.17 -18.46 4.03
N GLY A 194 -14.87 -17.35 4.12
CA GLY A 194 -16.02 -17.26 4.98
C GLY A 194 -15.72 -16.54 6.27
N LYS A 195 -16.74 -15.91 6.81
CA LYS A 195 -16.63 -15.04 7.97
C LYS A 195 -15.86 -15.70 9.11
N THR A 196 -16.25 -16.93 9.40
CA THR A 196 -15.77 -17.63 10.57
C THR A 196 -14.27 -17.83 10.43
N GLU A 197 -13.88 -18.19 9.22
CA GLU A 197 -12.53 -18.55 8.89
C GLU A 197 -11.61 -17.33 8.96
N LEU A 198 -12.13 -16.20 8.53
CA LEU A 198 -11.46 -14.94 8.68
C LEU A 198 -11.34 -14.52 10.11
N ARG A 199 -12.42 -14.74 10.83
CA ARG A 199 -12.50 -14.33 12.19
C ARG A 199 -11.48 -15.05 13.03
N HIS A 200 -11.31 -16.33 12.74
CA HIS A 200 -10.37 -17.10 13.49
C HIS A 200 -8.99 -16.59 13.25
N LEU A 201 -8.65 -16.37 12.00
CA LEU A 201 -7.31 -16.01 11.61
C LEU A 201 -6.94 -14.70 12.15
N LEU A 202 -7.84 -13.76 12.03
CA LEU A 202 -7.59 -12.44 12.51
C LEU A 202 -7.45 -12.38 14.00
N SER A 203 -8.23 -13.16 14.72
CA SER A 203 -8.10 -13.21 16.15
C SER A 203 -6.73 -13.72 16.56
N LYS A 204 -6.25 -14.72 15.87
CA LYS A 204 -4.94 -15.25 16.13
C LYS A 204 -3.85 -14.23 15.86
N VAL A 205 -4.01 -13.47 14.79
CA VAL A 205 -3.09 -12.38 14.53
C VAL A 205 -3.12 -11.30 15.60
N LEU A 206 -4.29 -10.89 16.01
CA LEU A 206 -4.39 -9.85 17.01
C LEU A 206 -3.80 -10.35 18.33
N GLN A 207 -3.99 -11.62 18.59
CA GLN A 207 -3.44 -12.22 19.78
C GLN A 207 -1.92 -12.25 19.77
N GLU A 208 -1.32 -12.51 18.62
CA GLU A 208 0.09 -12.35 18.49
C GLU A 208 0.54 -10.91 18.67
N ARG A 209 -0.21 -9.97 18.12
CA ARG A 209 0.11 -8.58 18.31
C ARG A 209 0.03 -8.16 19.76
N ASP A 210 -0.99 -8.61 20.44
CA ASP A 210 -1.21 -8.23 21.82
C ASP A 210 -0.06 -8.72 22.70
N ALA A 211 0.44 -9.89 22.38
CA ALA A 211 1.52 -10.54 23.12
C ALA A 211 2.85 -9.84 22.96
N LEU A 212 2.94 -8.91 22.02
CA LEU A 212 4.20 -8.27 21.76
C LEU A 212 4.57 -7.49 22.97
N LYS A 213 5.83 -7.17 23.01
CA LYS A 213 6.87 -7.52 23.89
C LYS A 213 7.06 -6.41 24.86
N GLY A 214 6.03 -5.62 25.08
CA GLY A 214 6.22 -4.35 25.72
C GLY A 214 6.89 -3.39 24.78
N THR A 215 6.77 -3.72 23.51
CA THR A 215 6.71 -2.86 22.37
C THR A 215 5.44 -2.10 22.70
N ARG A 216 5.30 -0.82 22.35
CA ARG A 216 3.95 -0.22 22.36
C ARG A 216 3.59 -0.18 20.89
N LYS A 217 2.42 -0.69 20.60
CA LYS A 217 2.20 -1.80 19.77
C LYS A 217 1.63 -1.41 18.42
N PRO A 218 2.03 -2.23 17.35
CA PRO A 218 1.49 -1.80 16.06
C PRO A 218 -0.01 -2.02 15.85
N ALA A 219 -0.63 -1.06 15.16
CA ALA A 219 -1.95 -1.19 14.65
C ALA A 219 -1.97 -2.31 13.65
N VAL A 220 -3.09 -3.00 13.53
CA VAL A 220 -3.22 -4.11 12.65
C VAL A 220 -4.33 -3.84 11.63
N LEU A 221 -3.99 -3.95 10.36
CA LEU A 221 -4.91 -3.66 9.31
C LEU A 221 -5.06 -4.87 8.46
N VAL A 222 -6.17 -4.94 7.74
CA VAL A 222 -6.37 -6.00 6.82
C VAL A 222 -6.51 -5.42 5.39
N LYS A 223 -5.86 -6.01 4.43
CA LYS A 223 -5.86 -5.49 3.07
C LYS A 223 -6.72 -6.39 2.23
N ILE A 224 -7.70 -5.79 1.58
CA ILE A 224 -8.69 -6.55 0.84
C ILE A 224 -8.67 -6.36 -0.66
N ALA A 225 -9.25 -7.31 -1.35
CA ALA A 225 -9.41 -7.34 -2.78
C ALA A 225 -10.50 -6.40 -3.26
N PRO A 226 -10.34 -6.00 -4.59
CA PRO A 226 -11.42 -5.15 -5.09
C PRO A 226 -12.60 -5.95 -5.69
N ASP A 227 -12.50 -7.25 -5.55
CA ASP A 227 -13.33 -8.19 -6.28
C ASP A 227 -14.29 -8.99 -5.43
N LEU A 228 -14.70 -8.43 -4.31
CA LEU A 228 -15.53 -9.04 -3.29
C LEU A 228 -17.03 -8.94 -3.55
N THR A 229 -17.77 -9.80 -2.86
CA THR A 229 -19.19 -9.84 -2.83
C THR A 229 -19.68 -8.77 -1.87
N ALA A 230 -20.93 -8.37 -2.05
CA ALA A 230 -21.56 -7.43 -1.16
C ALA A 230 -21.69 -7.92 0.25
N GLN A 231 -22.00 -9.21 0.42
CA GLN A 231 -22.01 -9.81 1.76
C GLN A 231 -20.65 -9.90 2.44
N ASP A 232 -19.60 -10.20 1.66
CA ASP A 232 -18.26 -10.21 2.24
C ASP A 232 -17.89 -8.84 2.77
N LYS A 233 -18.26 -7.80 2.07
CA LYS A 233 -17.99 -6.47 2.54
C LYS A 233 -18.71 -6.23 3.86
N GLU A 234 -19.95 -6.69 3.97
CA GLU A 234 -20.66 -6.59 5.24
C GLU A 234 -19.99 -7.45 6.26
N ASP A 235 -19.57 -8.63 5.85
CA ASP A 235 -18.90 -9.49 6.76
C ASP A 235 -17.61 -8.87 7.27
N ILE A 236 -16.78 -8.31 6.38
CA ILE A 236 -15.47 -7.82 6.77
C ILE A 236 -15.68 -6.69 7.69
N ALA A 237 -16.65 -5.86 7.39
CA ALA A 237 -16.96 -4.75 8.25
C ALA A 237 -17.41 -5.28 9.61
N SER A 238 -18.20 -6.34 9.58
CA SER A 238 -18.73 -6.87 10.83
C SER A 238 -17.63 -7.38 11.76
N VAL A 239 -16.71 -8.14 11.20
CA VAL A 239 -15.57 -8.61 11.94
C VAL A 239 -14.66 -7.52 12.43
N ALA A 240 -14.42 -6.53 11.58
CA ALA A 240 -13.49 -5.50 11.95
C ALA A 240 -14.04 -4.84 13.15
N ARG A 241 -15.33 -4.55 13.12
CA ARG A 241 -15.93 -3.94 14.29
C ARG A 241 -16.00 -4.87 15.49
N GLU A 242 -16.31 -6.13 15.24
CA GLU A 242 -16.37 -7.07 16.35
C GLU A 242 -15.02 -7.29 16.99
N LEU A 243 -13.97 -7.39 16.17
CA LEU A 243 -12.65 -7.59 16.70
C LEU A 243 -11.86 -6.36 17.01
N GLY A 244 -12.37 -5.19 16.70
CA GLY A 244 -11.58 -3.97 16.87
C GLY A 244 -10.32 -3.85 16.00
N ILE A 245 -10.41 -4.35 14.79
CA ILE A 245 -9.35 -4.19 13.79
C ILE A 245 -9.13 -2.73 13.58
N ASP A 246 -7.87 -2.30 13.56
CA ASP A 246 -7.51 -0.91 13.54
C ASP A 246 -7.75 -0.17 12.21
N GLY A 247 -7.70 -0.91 11.13
CA GLY A 247 -7.82 -0.33 9.82
C GLY A 247 -8.05 -1.29 8.71
N LEU A 248 -8.40 -0.74 7.55
CA LEU A 248 -8.55 -1.52 6.37
C LEU A 248 -7.71 -0.88 5.26
N ILE A 249 -7.11 -1.68 4.42
CA ILE A 249 -6.45 -1.15 3.24
C ILE A 249 -7.26 -1.62 2.05
N VAL A 250 -7.79 -0.66 1.32
CA VAL A 250 -8.68 -0.96 0.21
C VAL A 250 -8.15 -0.23 -1.04
N THR A 251 -7.61 -0.90 -2.05
CA THR A 251 -7.60 -2.32 -2.33
C THR A 251 -6.32 -2.84 -2.94
N ASN A 252 -6.20 -4.15 -3.02
CA ASN A 252 -5.21 -4.83 -3.79
C ASN A 252 -5.58 -4.80 -5.26
N THR A 253 -4.83 -5.49 -6.08
CA THR A 253 -5.05 -5.55 -7.50
C THR A 253 -6.30 -6.37 -7.87
N THR A 254 -6.77 -6.17 -9.09
CA THR A 254 -8.00 -6.81 -9.53
C THR A 254 -7.76 -7.88 -10.55
N VAL A 255 -8.57 -8.92 -10.49
CA VAL A 255 -8.53 -9.96 -11.51
C VAL A 255 -9.33 -9.70 -12.78
N SER A 256 -10.07 -8.62 -12.82
CA SER A 256 -10.76 -8.20 -14.02
C SER A 256 -9.94 -7.50 -15.07
N ARG A 257 -10.38 -7.57 -16.34
CA ARG A 257 -9.84 -6.75 -17.41
C ARG A 257 -10.90 -5.84 -18.04
N PRO A 258 -10.75 -4.49 -17.69
CA PRO A 258 -11.80 -3.62 -18.25
C PRO A 258 -11.70 -3.41 -19.73
N VAL A 259 -12.82 -2.96 -20.26
CA VAL A 259 -12.97 -2.69 -21.65
C VAL A 259 -11.96 -1.64 -21.97
N GLY A 260 -11.44 -1.72 -23.16
CA GLY A 260 -10.59 -0.70 -23.69
C GLY A 260 -9.13 -0.77 -23.44
N LEU A 261 -8.61 -1.84 -22.83
CA LEU A 261 -7.17 -1.96 -22.74
C LEU A 261 -6.59 -2.08 -24.14
N GLN A 262 -5.59 -1.29 -24.42
CA GLN A 262 -4.88 -1.27 -25.68
C GLN A 262 -3.64 -2.16 -25.64
N GLY A 263 -3.23 -2.53 -24.44
CA GLY A 263 -1.97 -3.23 -24.27
C GLY A 263 -1.98 -4.63 -24.82
N ALA A 264 -0.90 -5.00 -25.48
CA ALA A 264 -0.72 -6.31 -26.08
C ALA A 264 -0.79 -7.40 -25.03
N LEU A 265 -0.29 -7.11 -23.84
CA LEU A 265 -0.10 -8.09 -22.79
C LEU A 265 -1.32 -8.22 -21.92
N ARG A 266 -2.40 -7.63 -22.36
CA ARG A 266 -3.60 -7.56 -21.56
C ARG A 266 -4.17 -8.91 -21.21
N SER A 267 -3.95 -9.92 -22.04
CA SER A 267 -4.48 -11.24 -21.76
C SER A 267 -3.82 -12.05 -20.61
N GLU A 268 -2.67 -11.59 -20.16
CA GLU A 268 -1.92 -12.26 -19.12
C GLU A 268 -2.68 -12.41 -17.83
N THR A 269 -2.54 -13.55 -17.20
CA THR A 269 -3.13 -13.81 -15.92
C THR A 269 -2.43 -12.98 -14.86
N GLY A 270 -3.18 -12.48 -13.90
CA GLY A 270 -2.59 -11.76 -12.82
C GLY A 270 -3.45 -10.62 -12.34
N GLY A 271 -2.91 -9.87 -11.39
CA GLY A 271 -3.59 -8.74 -10.84
C GLY A 271 -3.27 -7.45 -11.57
N LEU A 272 -4.32 -6.73 -11.88
CA LEU A 272 -4.22 -5.47 -12.59
C LEU A 272 -4.21 -4.30 -11.60
N SER A 273 -3.30 -3.39 -11.86
CA SER A 273 -3.09 -2.18 -11.06
C SER A 273 -3.04 -0.96 -11.99
N GLY A 274 -3.03 0.23 -11.40
CA GLY A 274 -2.97 1.43 -12.19
C GLY A 274 -4.32 1.98 -12.55
N LYS A 275 -4.37 2.77 -13.59
CA LYS A 275 -5.52 3.62 -13.81
C LYS A 275 -6.83 2.85 -13.95
N PRO A 276 -6.78 1.69 -14.58
CA PRO A 276 -8.00 0.90 -14.73
C PRO A 276 -8.61 0.42 -13.44
N LEU A 277 -7.79 0.33 -12.41
CA LEU A 277 -8.25 -0.01 -11.10
C LEU A 277 -8.84 1.15 -10.32
N ARG A 278 -8.60 2.37 -10.75
CA ARG A 278 -8.85 3.50 -9.89
C ARG A 278 -10.27 3.63 -9.42
N ASP A 279 -11.23 3.59 -10.32
CA ASP A 279 -12.62 3.80 -9.93
C ASP A 279 -13.26 2.64 -9.14
N LEU A 280 -12.87 1.43 -9.47
CA LEU A 280 -13.31 0.28 -8.73
C LEU A 280 -12.83 0.34 -7.29
N SER A 281 -11.59 0.76 -7.10
CA SER A 281 -11.05 0.93 -5.78
C SER A 281 -11.78 2.02 -4.96
N THR A 282 -12.07 3.14 -5.57
CA THR A 282 -12.75 4.22 -4.90
C THR A 282 -14.14 3.77 -4.48
N GLN A 283 -14.80 3.02 -5.35
CA GLN A 283 -16.14 2.52 -5.05
C GLN A 283 -16.09 1.65 -3.84
N THR A 284 -15.08 0.81 -3.79
CA THR A 284 -14.91 -0.13 -2.69
C THR A 284 -14.68 0.61 -1.38
N ILE A 285 -13.91 1.69 -1.38
CA ILE A 285 -13.73 2.49 -0.20
C ILE A 285 -15.04 3.09 0.29
N ARG A 286 -15.85 3.56 -0.64
CA ARG A 286 -17.05 4.24 -0.28
C ARG A 286 -18.01 3.33 0.47
N GLU A 287 -18.13 2.12 0.01
CA GLU A 287 -18.94 1.17 0.70
C GLU A 287 -18.42 0.88 2.07
N MET A 288 -17.12 0.61 2.16
CA MET A 288 -16.57 0.22 3.42
C MET A 288 -16.71 1.29 4.47
N TYR A 289 -16.58 2.54 4.12
CA TYR A 289 -16.79 3.63 5.07
C TYR A 289 -18.25 3.65 5.56
N ALA A 290 -19.19 3.40 4.66
CA ALA A 290 -20.58 3.36 5.01
C ALA A 290 -20.93 2.20 5.93
N LEU A 291 -20.49 1.01 5.59
CA LEU A 291 -20.68 -0.18 6.42
C LEU A 291 -20.06 -0.10 7.79
N THR A 292 -18.95 0.60 7.94
CA THR A 292 -18.29 0.72 9.19
C THR A 292 -18.60 2.01 9.92
N GLN A 293 -19.51 2.80 9.39
CA GLN A 293 -19.95 4.00 10.06
C GLN A 293 -18.91 5.07 10.27
N GLY A 294 -17.89 5.07 9.43
CA GLY A 294 -16.86 6.07 9.53
C GLY A 294 -15.99 5.85 10.73
N ARG A 295 -16.13 4.67 11.33
CA ARG A 295 -15.45 4.37 12.57
C ARG A 295 -14.13 3.64 12.41
N ILE A 296 -13.88 3.08 11.24
CA ILE A 296 -12.67 2.36 10.99
C ILE A 296 -11.84 3.00 9.90
N PRO A 297 -10.55 3.36 10.29
CA PRO A 297 -9.80 4.05 9.24
C PRO A 297 -9.45 3.20 8.02
N ILE A 298 -9.46 3.85 6.86
CA ILE A 298 -9.21 3.18 5.62
C ILE A 298 -8.02 3.83 4.93
N ILE A 299 -7.13 3.00 4.41
CA ILE A 299 -6.07 3.48 3.58
C ILE A 299 -6.51 3.12 2.19
N GLY A 300 -6.67 4.10 1.34
CA GLY A 300 -7.18 3.87 0.01
C GLY A 300 -6.09 3.78 -1.05
N VAL A 301 -6.16 2.74 -1.85
CA VAL A 301 -5.15 2.49 -2.85
C VAL A 301 -5.76 1.86 -4.10
N GLY A 302 -5.13 2.16 -5.20
CA GLY A 302 -5.56 1.68 -6.49
C GLY A 302 -5.72 2.82 -7.48
N GLY A 303 -4.78 2.90 -8.38
CA GLY A 303 -4.83 3.89 -9.44
C GLY A 303 -4.69 5.35 -9.08
N VAL A 304 -4.03 5.67 -7.98
CA VAL A 304 -3.79 7.05 -7.63
C VAL A 304 -2.56 7.56 -8.39
N SER A 305 -2.74 8.60 -9.17
CA SER A 305 -1.65 9.23 -9.86
C SER A 305 -1.77 10.73 -9.93
N SER A 306 -2.66 11.29 -9.15
CA SER A 306 -2.91 12.71 -9.11
C SER A 306 -3.55 13.13 -7.82
N GLY A 307 -3.57 14.42 -7.59
CA GLY A 307 -4.21 14.97 -6.43
C GLY A 307 -5.70 14.73 -6.38
N GLN A 308 -6.34 14.81 -7.52
CA GLN A 308 -7.75 14.52 -7.57
C GLN A 308 -8.03 13.09 -7.23
N ASP A 309 -7.19 12.19 -7.70
CA ASP A 309 -7.37 10.79 -7.40
C ASP A 309 -7.27 10.58 -5.93
N ALA A 310 -6.33 11.22 -5.28
CA ALA A 310 -6.24 11.14 -3.85
C ALA A 310 -7.45 11.72 -3.14
N LEU A 311 -7.89 12.87 -3.59
CA LEU A 311 -9.01 13.55 -2.97
C LEU A 311 -10.25 12.72 -3.10
N GLU A 312 -10.47 12.08 -4.25
CA GLU A 312 -11.65 11.26 -4.41
C GLU A 312 -11.69 10.13 -3.42
N LYS A 313 -10.55 9.50 -3.19
CA LYS A 313 -10.47 8.44 -2.23
C LYS A 313 -10.70 8.93 -0.80
N ILE A 314 -10.15 10.08 -0.49
CA ILE A 314 -10.32 10.72 0.80
C ILE A 314 -11.77 11.10 1.04
N GLN A 315 -12.40 11.69 0.06
CA GLN A 315 -13.81 12.03 0.18
C GLN A 315 -14.68 10.81 0.31
N ALA A 316 -14.33 9.75 -0.34
CA ALA A 316 -15.00 8.50 -0.23
C ALA A 316 -14.85 7.87 1.16
N GLY A 317 -13.89 8.34 1.92
CA GLY A 317 -13.66 7.83 3.25
C GLY A 317 -12.26 7.48 3.69
N ALA A 318 -11.31 7.49 2.78
CA ALA A 318 -9.93 7.21 3.13
C ALA A 318 -9.31 8.28 3.97
N SER A 319 -8.59 7.86 5.00
CA SER A 319 -7.80 8.76 5.81
C SER A 319 -6.39 8.99 5.25
N LEU A 320 -5.94 8.00 4.51
CA LEU A 320 -4.66 8.02 3.86
C LEU A 320 -4.80 7.33 2.54
N VAL A 321 -3.88 7.58 1.62
CA VAL A 321 -3.82 6.87 0.37
C VAL A 321 -2.42 6.32 0.07
N GLN A 322 -2.34 5.32 -0.78
CA GLN A 322 -1.07 4.81 -1.28
C GLN A 322 -1.06 4.74 -2.78
N LEU A 323 0.13 4.68 -3.33
CA LEU A 323 0.33 4.45 -4.74
C LEU A 323 1.56 3.61 -4.99
N TYR A 324 1.54 2.88 -6.09
CA TYR A 324 2.71 2.24 -6.63
C TYR A 324 2.83 2.39 -8.16
N THR A 325 1.82 1.95 -8.87
CA THR A 325 1.91 1.78 -10.30
C THR A 325 2.26 3.10 -11.02
N ALA A 326 1.79 4.19 -10.49
CA ALA A 326 2.03 5.49 -11.09
C ALA A 326 3.53 5.75 -11.23
N LEU A 327 4.31 5.28 -10.30
CA LEU A 327 5.75 5.48 -10.35
C LEU A 327 6.37 4.85 -11.59
N ILE A 328 5.84 3.74 -12.00
CA ILE A 328 6.35 3.03 -13.14
C ILE A 328 6.23 3.86 -14.40
N PHE A 329 5.16 4.59 -14.53
CA PHE A 329 4.92 5.41 -15.68
C PHE A 329 5.34 6.87 -15.58
N LEU A 330 5.28 7.43 -14.40
CA LEU A 330 5.60 8.83 -14.21
C LEU A 330 6.86 9.14 -13.43
N GLY A 331 7.41 8.17 -12.74
CA GLY A 331 8.60 8.38 -12.00
C GLY A 331 8.37 9.09 -10.69
N PRO A 332 9.55 9.39 -10.03
CA PRO A 332 9.39 9.96 -8.68
C PRO A 332 8.65 11.28 -8.55
N PRO A 333 8.65 12.09 -9.69
CA PRO A 333 7.90 13.36 -9.52
C PRO A 333 6.41 13.23 -9.18
N VAL A 334 5.83 12.09 -9.45
CA VAL A 334 4.41 11.89 -9.16
C VAL A 334 4.06 12.08 -7.69
N VAL A 335 4.96 11.77 -6.78
CA VAL A 335 4.65 11.92 -5.38
C VAL A 335 4.39 13.38 -5.04
N VAL A 336 5.24 14.25 -5.54
CA VAL A 336 5.05 15.66 -5.36
C VAL A 336 3.84 16.22 -6.09
N ARG A 337 3.59 15.71 -7.28
CA ARG A 337 2.45 16.13 -8.04
C ARG A 337 1.19 15.85 -7.24
N VAL A 338 1.11 14.68 -6.64
CA VAL A 338 -0.09 14.36 -5.89
C VAL A 338 -0.31 15.28 -4.71
N LYS A 339 0.74 15.54 -3.97
CA LYS A 339 0.64 16.39 -2.83
C LYS A 339 0.33 17.83 -3.20
N ARG A 340 1.00 18.31 -4.22
CA ARG A 340 0.80 19.66 -4.68
C ARG A 340 -0.60 19.88 -5.21
N GLU A 341 -1.05 18.97 -6.04
CA GLU A 341 -2.41 19.03 -6.57
C GLU A 341 -3.43 18.90 -5.47
N LEU A 342 -3.19 18.03 -4.52
CA LEU A 342 -4.12 17.81 -3.45
C LEU A 342 -4.31 19.08 -2.63
N GLU A 343 -3.21 19.74 -2.34
CA GLU A 343 -3.27 20.95 -1.55
C GLU A 343 -4.05 22.02 -2.29
N ALA A 344 -3.80 22.14 -3.57
CA ALA A 344 -4.48 23.11 -4.38
C ALA A 344 -5.96 22.85 -4.47
N LEU A 345 -6.34 21.62 -4.64
CA LEU A 345 -7.74 21.24 -4.67
C LEU A 345 -8.47 21.45 -3.36
N LEU A 346 -7.83 21.16 -2.24
CA LEU A 346 -8.46 21.38 -0.96
C LEU A 346 -8.74 22.85 -0.79
N LYS A 347 -7.82 23.72 -1.16
CA LYS A 347 -8.04 25.13 -1.08
C LYS A 347 -9.18 25.59 -2.02
N GLU A 348 -9.17 25.12 -3.26
CA GLU A 348 -10.17 25.52 -4.21
C GLU A 348 -11.52 25.08 -3.77
N ARG A 349 -11.59 23.90 -3.21
CA ARG A 349 -12.84 23.25 -2.99
C ARG A 349 -13.38 23.50 -1.61
N GLY A 350 -12.73 24.36 -0.86
CA GLY A 350 -13.24 24.76 0.45
C GLY A 350 -12.89 24.00 1.72
N PHE A 351 -11.91 23.10 1.67
CA PHE A 351 -11.45 22.41 2.86
C PHE A 351 -10.22 23.08 3.46
N THR A 352 -10.30 23.35 4.73
CA THR A 352 -9.20 23.93 5.45
C THR A 352 -8.00 23.01 5.60
N THR A 353 -8.28 21.74 5.81
CA THR A 353 -7.26 20.71 5.92
C THR A 353 -7.74 19.46 5.24
N VAL A 354 -6.81 18.56 4.94
CA VAL A 354 -7.18 17.27 4.39
C VAL A 354 -8.12 16.51 5.31
N THR A 355 -7.98 16.71 6.60
CA THR A 355 -8.78 15.99 7.56
C THR A 355 -10.30 16.29 7.44
N ASP A 356 -10.59 17.52 7.13
CA ASP A 356 -11.92 18.00 6.86
C ASP A 356 -12.61 17.32 5.69
N ALA A 357 -11.82 16.95 4.68
CA ALA A 357 -12.30 16.16 3.55
C ALA A 357 -12.65 14.71 3.76
N ILE A 358 -12.11 14.07 4.80
CA ILE A 358 -12.28 12.66 4.97
C ILE A 358 -13.76 12.35 5.16
N GLY A 359 -14.28 11.45 4.37
CA GLY A 359 -15.69 11.12 4.40
C GLY A 359 -16.65 12.19 3.92
N ALA A 360 -16.18 13.19 3.19
CA ALA A 360 -17.05 14.28 2.78
C ALA A 360 -18.21 13.85 1.90
N ASP A 361 -18.06 12.78 1.14
CA ASP A 361 -19.12 12.32 0.26
C ASP A 361 -20.33 11.92 1.08
N HIS A 362 -20.08 11.33 2.22
CA HIS A 362 -21.12 10.88 3.08
C HIS A 362 -21.84 12.04 3.69
N ARG A 363 -21.14 13.14 3.89
CA ARG A 363 -21.68 14.27 4.58
C ARG A 363 -22.83 14.87 3.82
N ARG A 364 -22.75 14.88 2.51
CA ARG A 364 -23.80 15.46 1.72
C ARG A 364 -24.97 14.51 1.44
N1 FMN B . 0.40 -5.68 -2.48
C2 FMN B . 0.74 -6.32 -1.37
O2 FMN B . 0.00 -6.20 -0.44
N3 FMN B . 1.85 -7.06 -1.30
C4 FMN B . 2.68 -7.19 -2.29
O4 FMN B . 3.68 -7.86 -2.24
C4A FMN B . 2.37 -6.50 -3.54
N5 FMN B . 3.13 -6.59 -4.61
C5A FMN B . 2.86 -5.91 -5.72
C6 FMN B . 3.68 -5.96 -6.81
C7 FMN B . 3.38 -5.28 -7.95
C7M FMN B . 4.26 -5.35 -9.15
C8 FMN B . 2.18 -4.47 -7.99
C8M FMN B . 1.83 -3.71 -9.23
C9 FMN B . 1.37 -4.39 -6.91
C9A FMN B . 1.64 -5.10 -5.77
N10 FMN B . 0.83 -5.02 -4.67
C10 FMN B . 1.16 -5.72 -3.54
C1' FMN B . -0.40 -4.26 -4.68
C2' FMN B . -0.19 -2.79 -4.43
O2' FMN B . 0.21 -2.64 -3.10
C3' FMN B . -1.48 -2.01 -4.62
O3' FMN B . -2.47 -2.52 -3.73
C4' FMN B . -2.01 -2.08 -6.03
O4' FMN B . -0.97 -2.15 -6.95
C5' FMN B . -2.88 -0.87 -6.35
O5' FMN B . -2.23 0.37 -6.30
P FMN B . -1.60 1.06 -7.58
O1P FMN B . -2.65 1.00 -8.58
O2P FMN B . -0.48 0.23 -8.00
O3P FMN B . -1.26 2.40 -7.14
N1 ORO C . 0.81 -9.18 -6.41
C2 ORO C . -0.16 -8.35 -6.13
O2 ORO C . -0.66 -7.71 -7.06
N3 ORO C . -0.61 -8.22 -4.91
C4 ORO C . -0.09 -8.94 -3.93
O4 ORO C . -0.49 -8.83 -2.81
C5 ORO C . 0.92 -9.79 -4.17
C6 ORO C . 1.38 -9.91 -5.45
C7 ORO C . 2.45 -10.90 -5.79
O71 ORO C . 3.40 -11.10 -5.05
O72 ORO C . 2.28 -11.55 -6.82
F8 2V6 D . 10.67 5.22 -10.15
C5 2V6 D . 11.19 4.26 -10.89
C6 2V6 D . 10.35 3.18 -11.19
C4 2V6 D . 12.54 4.35 -11.45
C7 2V6 D . 13.48 5.50 -11.13
F3 2V6 D . 14.61 5.10 -10.63
F2 2V6 D . 13.83 6.08 -12.28
F1 2V6 D . 12.90 6.44 -10.38
C3 2V6 D . 12.94 3.33 -12.26
F7 2V6 D . 14.19 3.40 -12.69
C2 2V6 D . 12.11 2.25 -12.52
C1 2V6 D . 10.82 2.23 -12.03
N1 2V6 D . 10.01 1.14 -12.16
C8 2V6 D . 9.79 0.41 -13.18
C9 2V6 D . 10.05 1.15 -14.35
C10 2V6 D . 9.83 0.59 -15.62
C13 2V6 D . 10.21 1.27 -16.92
N2 2V6 D . 9.06 -0.66 -13.34
C11 2V6 D . 8.84 -1.17 -14.56
N3 2V6 D . 9.19 -0.59 -15.72
N5 2V6 D . 8.65 -1.39 -12.29
C12 2V6 D . 8.09 -2.39 -13.01
N4 2V6 D . 8.22 -2.32 -14.40
C14 2V6 D . 7.43 -3.50 -12.29
F6 2V6 D . 6.18 -3.58 -12.78
F4 2V6 D . 7.40 -3.29 -11.02
F5 2V6 D . 8.02 -4.65 -12.48
#